data_1NBS
#
_entry.id   1NBS
#
_cell.length_a   126.5
_cell.length_b   145.3
_cell.length_c   144.6
_cell.angle_alpha   90.00
_cell.angle_beta   90.00
_cell.angle_gamma   90.00
#
_symmetry.space_group_name_H-M   'C 2 2 21'
#
loop_
_entity.id
_entity.type
_entity.pdbx_description
1 polymer 'RIBONUCLEASE P RNA'
2 non-polymer 'MAGNESIUM ION'
3 non-polymer 'LEAD (II) ION'
#
_entity_poly.entity_id   1
_entity_poly.type   'polyribonucleotide'
_entity_poly.pdbx_seq_one_letter_code
;GCGAGCCUAGCGAAGUCAUAAGCUAGGGCAGUCUUUAGAGGCUGACGGCAGGAAAAAAGCCUACGUCUUCGGAUAUGGCU
GAGUAUCCUUGAAAGUGCCACAGUGACGAAGUCUCACUAGAAAUGGUGAGAGUGGAACGCGGUAAACCCCUCGCA
;
_entity_poly.pdbx_strand_id   A,B
#